data_8ICU
#
_entry.id   8ICU
#
_cell.length_a   179.670
_cell.length_b   57.593
_cell.length_c   48.139
_cell.angle_alpha   90.00
_cell.angle_beta   90.00
_cell.angle_gamma   90.00
#
_symmetry.space_group_name_H-M   'P 21 21 2'
#
loop_
_entity.id
_entity.type
_entity.pdbx_description
1 polymer "DNA (5'-D(*CP*AP*TP*TP*AP*GP*AP*A)-3')"
2 polymer "DNA (5'-D(*TP*CP*TP*AP*AP*TP*GP*A)-3')"
3 polymer 'PROTEIN (DNA POLYMERASE BETA (E.C.2.7.7.7))'
4 non-polymer 'MANGANESE (II) ION'
5 non-polymer 'SODIUM ION'
6 non-polymer "2',3'-DIDEOXYADENOSINE-5'-TRIPHOSPHATE"
7 water water
#
loop_
_entity_poly.entity_id
_entity_poly.type
_entity_poly.pdbx_seq_one_letter_code
_entity_poly.pdbx_strand_id
1 'polydeoxyribonucleotide' (DC)(DA)(DT)(DT)(DA)(DG)(DA)(DA) T
2 'polydeoxyribonucleotide' (DT)(DC)(DT)(DA)(DA)(DT)(DG)(DA) P
3 'polypeptide(L)'
;MSKRKAPQETLNGGITDMLTELANFEKNVSQAIHKYNAYRKAASVIAKYPHKIKSGAEAKKLPGVGTKIAEKIDEFLATG
KLRKLEKIRQDDTSSSINFLTRVSGIGPSAARKFVDEGIKTLEDLRKNEDKLNHHQRIGLKYFGDFEKRIPREEMLQMQD
IVLNEVKKVDSEYIATVCGSFRRGAESSGDMDVLLTHPSFTSESTKQPKLLHQVVEQLQKVHFITDTLSKGETKFMGVCQ
LPSKNDEKEYPHRRIDIRLIPKDQYYCGVLYFTGSDIFNKNMRAHALEKGFTINEYTIRPLGVTGVAGEPLPVDSEKDIF
DYIQWKYREPKDRSE
;
A
#
loop_
_chem_comp.id
_chem_comp.type
_chem_comp.name
_chem_comp.formula
DA DNA linking 2'-DEOXYADENOSINE-5'-MONOPHOSPHATE 'C10 H14 N5 O6 P'
DAD non-polymer 2',3'-DIDEOXYADENOSINE-5'-TRIPHOSPHATE 'C10 H16 N5 O11 P3'
DC DNA linking 2'-DEOXYCYTIDINE-5'-MONOPHOSPHATE 'C9 H14 N3 O7 P'
DG DNA linking 2'-DEOXYGUANOSINE-5'-MONOPHOSPHATE 'C10 H14 N5 O7 P'
DT DNA linking THYMIDINE-5'-MONOPHOSPHATE 'C10 H15 N2 O8 P'
MN non-polymer 'MANGANESE (II) ION' 'Mn 2'
NA non-polymer 'SODIUM ION' 'Na 1'
#
# COMPACT_ATOMS: atom_id res chain seq x y z
N GLU C 9 -12.84 -3.65 -19.04
CA GLU C 9 -11.55 -3.00 -19.01
C GLU C 9 -11.51 -1.64 -19.71
N THR C 10 -12.41 -1.45 -20.67
CA THR C 10 -12.50 -0.19 -21.41
C THR C 10 -13.93 0.00 -21.93
N LEU C 11 -14.52 -1.15 -22.17
CA LEU C 11 -15.86 -1.18 -22.63
C LEU C 11 -16.72 -0.89 -21.45
N ASN C 12 -16.31 -1.34 -20.29
CA ASN C 12 -17.18 -1.00 -19.19
C ASN C 12 -16.70 0.12 -18.27
N GLY C 13 -15.64 0.73 -18.75
CA GLY C 13 -14.92 1.83 -18.15
C GLY C 13 -15.64 2.96 -17.45
N GLY C 14 -16.39 3.77 -18.22
CA GLY C 14 -17.11 4.89 -17.63
C GLY C 14 -17.96 4.42 -16.47
N ILE C 15 -18.75 3.36 -16.75
CA ILE C 15 -19.62 2.79 -15.74
C ILE C 15 -18.93 2.55 -14.44
N THR C 16 -17.98 1.65 -14.43
CA THR C 16 -17.25 1.39 -13.20
C THR C 16 -16.61 2.69 -12.71
N ASP C 17 -16.20 3.47 -13.63
CA ASP C 17 -15.59 4.70 -13.20
C ASP C 17 -16.37 5.67 -12.36
N MET C 18 -17.51 6.05 -12.82
CA MET C 18 -18.30 6.98 -12.04
C MET C 18 -18.66 6.23 -10.77
N LEU C 19 -18.84 4.88 -10.94
CA LEU C 19 -19.19 3.89 -9.90
C LEU C 19 -18.24 3.96 -8.69
N THR C 20 -16.97 3.99 -9.04
CA THR C 20 -15.99 4.07 -8.01
C THR C 20 -15.99 5.50 -7.47
N GLU C 21 -16.23 6.47 -8.37
CA GLU C 21 -16.30 7.89 -8.00
C GLU C 21 -17.35 7.97 -6.87
N LEU C 22 -18.53 7.45 -7.22
CA LEU C 22 -19.70 7.36 -6.36
C LEU C 22 -19.40 6.69 -5.01
N ALA C 23 -18.91 5.45 -5.03
CA ALA C 23 -18.65 4.78 -3.79
C ALA C 23 -17.67 5.54 -2.92
N ASN C 24 -16.55 5.86 -3.53
CA ASN C 24 -15.55 6.57 -2.83
C ASN C 24 -16.05 7.80 -2.19
N PHE C 25 -17.10 8.30 -2.72
CA PHE C 25 -17.62 9.49 -2.15
C PHE C 25 -18.46 9.26 -0.94
N GLU C 26 -19.10 8.10 -0.91
CA GLU C 26 -19.93 7.86 0.25
C GLU C 26 -19.04 7.67 1.47
N LYS C 27 -18.27 6.64 1.40
CA LYS C 27 -17.35 6.32 2.44
C LYS C 27 -16.48 7.49 2.96
N ASN C 28 -16.29 8.51 2.14
CA ASN C 28 -15.47 9.59 2.62
C ASN C 28 -16.23 10.71 3.18
N VAL C 29 -16.94 11.38 2.37
CA VAL C 29 -17.70 12.51 2.83
C VAL C 29 -18.80 12.06 3.71
N SER C 30 -19.38 10.95 3.35
CA SER C 30 -20.47 10.40 4.14
C SER C 30 -20.07 9.15 4.95
N GLN C 31 -20.73 8.92 6.01
CA GLN C 31 -20.28 7.77 6.70
C GLN C 31 -21.00 6.51 6.22
N ALA C 32 -21.59 6.62 5.01
CA ALA C 32 -22.37 5.53 4.34
C ALA C 32 -21.65 4.27 3.80
N ILE C 33 -21.00 3.59 4.69
CA ILE C 33 -20.29 2.35 4.38
C ILE C 33 -21.10 1.40 3.50
N HIS C 34 -22.40 1.34 3.74
CA HIS C 34 -23.22 0.45 2.95
C HIS C 34 -23.25 0.80 1.50
N LYS C 35 -23.89 1.95 1.22
CA LYS C 35 -24.02 2.46 -0.12
C LYS C 35 -22.66 2.45 -0.77
N TYR C 36 -21.72 2.81 0.04
CA TYR C 36 -20.40 2.85 -0.48
C TYR C 36 -19.98 1.46 -0.87
N ASN C 37 -20.36 0.57 0.00
CA ASN C 37 -20.08 -0.82 -0.17
C ASN C 37 -20.86 -1.33 -1.35
N ALA C 38 -21.99 -0.66 -1.64
CA ALA C 38 -22.87 -1.03 -2.78
C ALA C 38 -22.16 -0.87 -4.14
N TYR C 39 -21.91 0.41 -4.36
CA TYR C 39 -21.26 0.92 -5.52
C TYR C 39 -20.09 0.07 -5.94
N ARG C 40 -19.46 -0.50 -4.95
CA ARG C 40 -18.34 -1.32 -5.31
C ARG C 40 -18.62 -2.68 -5.84
N LYS C 41 -19.61 -3.40 -5.28
CA LYS C 41 -19.80 -4.69 -5.89
C LYS C 41 -20.23 -4.49 -7.34
N ALA C 42 -21.18 -3.58 -7.51
CA ALA C 42 -21.74 -3.19 -8.78
C ALA C 42 -20.64 -2.83 -9.75
N ALA C 43 -19.76 -1.97 -9.28
CA ALA C 43 -18.66 -1.58 -10.13
C ALA C 43 -17.83 -2.83 -10.40
N SER C 44 -17.73 -3.69 -9.40
CA SER C 44 -16.96 -4.91 -9.52
C SER C 44 -17.50 -5.77 -10.62
N VAL C 45 -18.81 -5.94 -10.59
CA VAL C 45 -19.49 -6.76 -11.57
C VAL C 45 -19.51 -6.22 -12.96
N ILE C 46 -20.13 -5.03 -13.20
CA ILE C 46 -20.20 -4.44 -14.52
C ILE C 46 -18.81 -4.47 -15.15
N ALA C 47 -17.83 -4.37 -14.28
CA ALA C 47 -16.43 -4.39 -14.70
C ALA C 47 -16.08 -5.70 -15.38
N LYS C 48 -16.60 -6.78 -14.80
CA LYS C 48 -16.40 -8.14 -15.30
C LYS C 48 -17.21 -8.44 -16.59
N TYR C 49 -18.44 -7.94 -16.65
CA TYR C 49 -19.34 -8.11 -17.78
C TYR C 49 -18.62 -7.79 -19.09
N PRO C 50 -18.76 -8.83 -19.93
CA PRO C 50 -18.26 -9.06 -21.27
C PRO C 50 -18.91 -8.31 -22.37
N HIS C 51 -19.71 -7.29 -22.08
CA HIS C 51 -20.31 -6.61 -23.20
C HIS C 51 -20.67 -5.23 -22.87
N LYS C 52 -20.71 -4.42 -23.88
CA LYS C 52 -21.04 -3.05 -23.66
C LYS C 52 -22.44 -2.92 -23.12
N ILE C 53 -22.52 -2.53 -21.85
CA ILE C 53 -23.78 -2.33 -21.20
C ILE C 53 -24.42 -1.13 -21.88
N LYS C 54 -25.67 -1.37 -22.31
CA LYS C 54 -26.42 -0.34 -23.01
C LYS C 54 -27.56 0.41 -22.35
N SER C 55 -27.86 0.07 -21.14
CA SER C 55 -28.94 0.74 -20.48
C SER C 55 -29.04 0.18 -19.11
N GLY C 56 -29.78 0.91 -18.30
CA GLY C 56 -29.99 0.51 -16.95
C GLY C 56 -30.33 -0.96 -16.88
N ALA C 57 -31.51 -1.24 -17.44
CA ALA C 57 -32.03 -2.59 -17.50
C ALA C 57 -31.04 -3.76 -17.64
N GLU C 58 -30.26 -3.64 -18.72
CA GLU C 58 -29.31 -4.62 -19.06
C GLU C 58 -28.44 -4.84 -17.90
N ALA C 59 -27.91 -3.72 -17.39
CA ALA C 59 -27.02 -3.73 -16.26
C ALA C 59 -27.74 -4.35 -15.13
N LYS C 60 -28.88 -3.71 -14.91
CA LYS C 60 -29.83 -4.06 -13.86
C LYS C 60 -29.94 -5.56 -13.59
N LYS C 61 -29.83 -6.36 -14.63
CA LYS C 61 -29.91 -7.79 -14.57
C LYS C 61 -28.83 -8.37 -13.67
N LEU C 62 -27.83 -7.59 -13.46
CA LEU C 62 -26.76 -8.07 -12.62
C LEU C 62 -27.01 -8.11 -11.10
N PRO C 63 -26.24 -9.03 -10.50
CA PRO C 63 -26.28 -9.18 -9.09
C PRO C 63 -25.51 -7.92 -8.60
N GLY C 64 -26.19 -7.25 -7.67
CA GLY C 64 -25.71 -6.06 -7.04
C GLY C 64 -26.18 -4.88 -7.75
N VAL C 65 -26.80 -5.08 -8.89
CA VAL C 65 -27.25 -3.87 -9.54
C VAL C 65 -28.68 -3.67 -9.31
N GLY C 66 -28.92 -2.61 -8.57
CA GLY C 66 -30.27 -2.31 -8.28
C GLY C 66 -30.86 -1.25 -9.18
N THR C 67 -32.01 -0.86 -8.75
CA THR C 67 -32.74 0.14 -9.44
C THR C 67 -32.03 1.47 -9.31
N LYS C 68 -31.36 1.61 -8.13
CA LYS C 68 -30.62 2.82 -7.79
C LYS C 68 -29.49 3.21 -8.69
N ILE C 69 -28.64 2.21 -8.87
CA ILE C 69 -27.47 2.32 -9.70
C ILE C 69 -27.87 2.35 -11.17
N ALA C 70 -28.80 1.41 -11.50
CA ALA C 70 -29.30 1.28 -12.84
C ALA C 70 -29.73 2.66 -13.27
N GLU C 71 -30.37 3.31 -12.34
CA GLU C 71 -30.82 4.63 -12.60
C GLU C 71 -29.69 5.57 -12.97
N LYS C 72 -28.59 5.45 -12.26
CA LYS C 72 -27.52 6.32 -12.59
C LYS C 72 -26.99 6.03 -13.96
N ILE C 73 -26.88 4.74 -14.30
CA ILE C 73 -26.37 4.32 -15.59
C ILE C 73 -26.98 5.09 -16.72
N ASP C 74 -28.27 4.94 -16.92
CA ASP C 74 -28.95 5.65 -17.99
C ASP C 74 -28.61 7.14 -18.15
N GLU C 75 -28.65 7.83 -17.02
CA GLU C 75 -28.36 9.25 -16.97
C GLU C 75 -27.02 9.47 -17.53
N PHE C 76 -26.16 8.57 -17.11
CA PHE C 76 -24.80 8.59 -17.56
C PHE C 76 -24.66 8.18 -19.05
N LEU C 77 -25.32 7.11 -19.45
CA LEU C 77 -25.20 6.72 -20.84
C LEU C 77 -25.91 7.78 -21.62
N ALA C 78 -27.09 8.25 -21.21
CA ALA C 78 -27.72 9.29 -22.04
C ALA C 78 -26.84 10.55 -22.14
N THR C 79 -26.55 11.17 -21.03
CA THR C 79 -25.72 12.36 -21.05
C THR C 79 -24.37 11.91 -20.51
N GLY C 80 -23.29 12.11 -21.24
CA GLY C 80 -22.03 11.67 -20.68
C GLY C 80 -21.64 12.42 -19.40
N LYS C 81 -22.57 12.47 -18.43
CA LYS C 81 -22.40 13.13 -17.15
C LYS C 81 -23.30 12.48 -16.14
N LEU C 82 -23.35 13.08 -14.95
CA LEU C 82 -24.16 12.66 -13.80
C LEU C 82 -24.38 13.87 -12.86
N ARG C 83 -25.63 14.17 -12.44
CA ARG C 83 -25.70 15.34 -11.57
C ARG C 83 -24.94 15.17 -10.26
N LYS C 84 -25.28 14.13 -9.51
CA LYS C 84 -24.66 13.86 -8.22
C LYS C 84 -23.17 13.93 -8.30
N LEU C 85 -22.68 13.58 -9.42
CA LEU C 85 -21.25 13.62 -9.64
C LEU C 85 -20.83 15.03 -9.99
N GLU C 86 -21.74 15.75 -10.60
CA GLU C 86 -21.39 17.08 -10.94
C GLU C 86 -21.49 17.93 -9.71
N LYS C 87 -22.52 17.65 -8.91
CA LYS C 87 -22.75 18.35 -7.67
C LYS C 87 -21.60 18.07 -6.67
N ILE C 88 -21.16 16.78 -6.51
CA ILE C 88 -20.08 16.43 -5.57
C ILE C 88 -18.77 17.11 -5.89
N ARG C 89 -18.35 16.91 -7.10
CA ARG C 89 -17.15 17.41 -7.66
C ARG C 89 -17.05 18.88 -7.38
N GLN C 90 -18.22 19.53 -7.24
CA GLN C 90 -18.25 20.96 -6.94
C GLN C 90 -18.08 21.24 -5.46
N ASP C 91 -18.90 20.51 -4.69
CA ASP C 91 -18.96 20.60 -3.22
C ASP C 91 -17.68 20.90 -2.49
N ASP C 92 -17.57 22.16 -2.15
CA ASP C 92 -16.41 22.58 -1.47
C ASP C 92 -16.18 21.81 -0.23
N THR C 93 -17.28 21.33 0.34
CA THR C 93 -17.12 20.52 1.56
C THR C 93 -16.46 19.18 1.27
N SER C 94 -17.08 18.43 0.39
CA SER C 94 -16.45 17.19 0.15
C SER C 94 -15.10 17.40 -0.58
N SER C 95 -14.87 18.57 -1.17
CA SER C 95 -13.57 18.75 -1.85
C SER C 95 -12.48 18.70 -0.82
N SER C 96 -12.76 19.45 0.23
CA SER C 96 -11.92 19.59 1.38
C SER C 96 -11.63 18.27 1.97
N ILE C 97 -12.68 17.47 2.14
CA ILE C 97 -12.41 16.17 2.70
C ILE C 97 -11.48 15.33 1.82
N ASN C 98 -11.67 15.44 0.51
CA ASN C 98 -10.81 14.65 -0.29
C ASN C 98 -9.39 15.06 -0.17
N PHE C 99 -9.21 16.40 -0.16
CA PHE C 99 -7.89 17.03 -0.03
C PHE C 99 -7.09 16.78 1.31
N LEU C 100 -7.66 17.23 2.46
CA LEU C 100 -7.06 17.11 3.74
C LEU C 100 -6.56 15.75 3.94
N THR C 101 -7.30 14.87 3.34
CA THR C 101 -7.04 13.47 3.41
C THR C 101 -5.63 13.06 3.02
N ARG C 102 -5.03 13.73 2.03
CA ARG C 102 -3.65 13.44 1.56
C ARG C 102 -2.60 13.54 2.58
N VAL C 103 -2.86 14.38 3.57
CA VAL C 103 -1.91 14.58 4.63
C VAL C 103 -1.53 13.25 5.23
N SER C 104 -0.26 12.94 5.36
CA SER C 104 0.00 11.65 5.90
C SER C 104 -0.41 11.61 7.32
N GLY C 105 -1.45 10.85 7.58
CA GLY C 105 -1.97 10.74 8.96
C GLY C 105 -3.46 11.13 8.99
N ILE C 106 -3.85 12.01 8.12
CA ILE C 106 -5.20 12.43 8.06
C ILE C 106 -5.98 11.38 7.30
N GLY C 107 -7.09 11.05 7.83
CA GLY C 107 -7.97 10.11 7.26
C GLY C 107 -9.31 10.85 7.25
N PRO C 108 -10.33 10.24 6.66
CA PRO C 108 -11.66 10.79 6.53
C PRO C 108 -12.25 11.30 7.81
N SER C 109 -12.19 10.46 8.81
CA SER C 109 -12.69 10.79 10.12
C SER C 109 -12.18 12.13 10.58
N ALA C 110 -10.88 12.22 10.49
CA ALA C 110 -10.33 13.43 10.89
C ALA C 110 -10.58 14.51 9.81
N ALA C 111 -10.63 14.07 8.56
CA ALA C 111 -10.86 14.98 7.46
C ALA C 111 -12.14 15.72 7.70
N ARG C 112 -13.14 14.98 8.12
CA ARG C 112 -14.46 15.57 8.42
C ARG C 112 -14.34 16.56 9.54
N LYS C 113 -13.92 16.02 10.68
CA LYS C 113 -13.73 16.78 11.90
C LYS C 113 -13.07 18.15 11.67
N PHE C 114 -11.93 18.16 10.97
CA PHE C 114 -11.23 19.40 10.72
C PHE C 114 -12.05 20.38 9.96
N VAL C 115 -12.72 19.78 9.03
CA VAL C 115 -13.57 20.49 8.16
C VAL C 115 -14.63 21.17 8.90
N ASP C 116 -15.23 20.40 9.79
CA ASP C 116 -16.26 20.97 10.54
C ASP C 116 -15.75 22.14 11.28
N GLU C 117 -14.70 21.89 12.07
CA GLU C 117 -14.08 22.94 12.84
C GLU C 117 -13.77 24.15 11.92
N GLY C 118 -13.65 23.83 10.61
CA GLY C 118 -13.36 24.81 9.56
C GLY C 118 -11.89 24.78 8.98
N ILE C 119 -11.19 23.65 9.17
CA ILE C 119 -9.85 23.48 8.68
C ILE C 119 -9.92 22.84 7.34
N LYS C 120 -10.05 23.67 6.38
CA LYS C 120 -10.17 23.20 5.06
C LYS C 120 -8.90 23.20 4.32
N THR C 121 -8.22 24.30 4.37
CA THR C 121 -6.94 24.44 3.70
C THR C 121 -5.72 23.95 4.52
N LEU C 122 -4.62 23.86 3.81
CA LEU C 122 -3.36 23.43 4.34
C LEU C 122 -2.84 24.55 5.23
N GLU C 123 -3.14 25.79 4.83
CA GLU C 123 -2.72 26.87 5.67
C GLU C 123 -3.48 26.74 7.05
N ASP C 124 -4.76 26.31 6.92
CA ASP C 124 -5.55 26.16 8.11
C ASP C 124 -4.83 25.13 8.92
N LEU C 125 -4.46 24.11 8.17
CA LEU C 125 -3.75 23.01 8.75
C LEU C 125 -2.57 23.49 9.57
N ARG C 126 -1.89 24.51 9.09
CA ARG C 126 -0.76 25.06 9.80
C ARG C 126 -1.14 25.79 11.07
N LYS C 127 -1.92 26.88 10.93
CA LYS C 127 -2.37 27.70 12.04
C LYS C 127 -2.87 26.85 13.18
N ASN C 128 -3.28 25.63 12.85
CA ASN C 128 -3.76 24.80 13.87
C ASN C 128 -2.92 23.60 14.04
N GLU C 129 -1.63 23.79 14.04
CA GLU C 129 -0.85 22.61 14.19
C GLU C 129 -1.07 21.87 15.50
N ASP C 130 -1.64 22.55 16.45
CA ASP C 130 -1.93 22.00 17.76
C ASP C 130 -3.00 20.94 17.68
N LYS C 131 -4.03 21.24 16.91
CA LYS C 131 -5.08 20.31 16.79
C LYS C 131 -4.68 19.03 16.13
N LEU C 132 -3.39 18.96 15.66
CA LEU C 132 -2.84 17.79 14.99
C LEU C 132 -1.87 16.91 15.80
N ASN C 133 -2.00 15.57 15.68
CA ASN C 133 -1.12 14.63 16.39
C ASN C 133 0.21 14.56 15.72
N HIS C 134 1.23 14.03 16.37
CA HIS C 134 2.55 13.99 15.74
C HIS C 134 2.62 13.44 14.32
N HIS C 135 1.88 12.33 14.08
CA HIS C 135 1.88 11.71 12.77
C HIS C 135 1.65 12.76 11.72
N GLN C 136 0.50 13.32 11.86
CA GLN C 136 0.07 14.37 10.97
C GLN C 136 0.96 15.59 11.07
N ARG C 137 1.72 15.72 12.11
CA ARG C 137 2.53 16.90 12.17
C ARG C 137 3.62 16.79 11.18
N ILE C 138 4.19 15.64 11.19
CA ILE C 138 5.23 15.41 10.27
C ILE C 138 4.64 15.35 8.90
N GLY C 139 3.45 14.73 8.86
CA GLY C 139 2.69 14.56 7.65
C GLY C 139 2.48 15.90 6.98
N LEU C 140 2.21 16.92 7.79
CA LEU C 140 2.01 18.25 7.25
C LEU C 140 3.37 18.82 6.82
N LYS C 141 4.36 18.64 7.69
CA LYS C 141 5.72 19.08 7.50
C LYS C 141 6.30 18.75 6.14
N TYR C 142 6.34 17.44 5.82
CA TYR C 142 6.85 16.88 4.56
C TYR C 142 5.74 16.68 3.54
N PHE C 143 4.71 17.51 3.57
CA PHE C 143 3.64 17.33 2.64
C PHE C 143 4.11 17.32 1.21
N GLY C 144 4.96 18.31 0.84
CA GLY C 144 5.51 18.38 -0.52
C GLY C 144 6.27 17.07 -0.75
N ASP C 145 7.47 16.97 -0.16
CA ASP C 145 8.29 15.80 -0.28
C ASP C 145 7.54 14.52 -0.11
N PHE C 146 6.32 14.51 0.39
CA PHE C 146 5.73 13.17 0.51
C PHE C 146 5.11 12.74 -0.73
N GLU C 147 4.52 13.73 -1.35
CA GLU C 147 3.83 13.50 -2.58
C GLU C 147 4.70 13.13 -3.78
N LYS C 148 6.03 13.44 -3.70
CA LYS C 148 6.97 13.16 -4.79
C LYS C 148 7.47 11.75 -4.97
N ARG C 149 7.76 11.45 -6.23
CA ARG C 149 8.30 10.14 -6.59
C ARG C 149 9.80 9.98 -6.13
N ILE C 150 10.25 8.70 -5.95
CA ILE C 150 11.64 8.50 -5.52
C ILE C 150 12.57 7.97 -6.62
N PRO C 151 13.41 8.85 -7.28
CA PRO C 151 14.30 8.43 -8.32
C PRO C 151 15.08 7.23 -7.87
N ARG C 152 15.10 6.20 -8.74
CA ARG C 152 15.80 4.96 -8.48
C ARG C 152 17.27 5.26 -8.19
N GLU C 153 17.73 6.32 -8.90
CA GLU C 153 19.07 6.83 -8.80
C GLU C 153 19.37 7.05 -7.31
N GLU C 154 18.36 7.62 -6.61
CA GLU C 154 18.36 7.93 -5.16
C GLU C 154 18.08 6.68 -4.32
N MET C 155 17.29 5.72 -4.93
CA MET C 155 16.96 4.52 -4.24
C MET C 155 18.24 3.76 -3.92
N LEU C 156 19.06 3.70 -4.97
CA LEU C 156 20.33 3.05 -4.93
C LEU C 156 21.19 3.71 -3.82
N GLN C 157 21.11 5.06 -3.71
CA GLN C 157 21.91 5.62 -2.65
C GLN C 157 21.45 5.23 -1.27
N MET C 158 20.16 5.37 -1.08
CA MET C 158 19.47 5.02 0.15
C MET C 158 19.78 3.56 0.53
N GLN C 159 19.45 2.63 -0.40
CA GLN C 159 19.70 1.22 -0.21
C GLN C 159 21.12 0.92 0.14
N ASP C 160 21.97 1.69 -0.51
CA ASP C 160 23.38 1.52 -0.29
C ASP C 160 23.65 1.72 1.16
N ILE C 161 23.06 2.79 1.67
CA ILE C 161 23.27 3.11 3.05
C ILE C 161 22.73 2.21 4.10
N VAL C 162 21.46 1.88 3.91
CA VAL C 162 20.84 1.07 4.88
C VAL C 162 21.60 -0.18 5.10
N LEU C 163 22.03 -0.71 4.00
CA LEU C 163 22.76 -1.91 3.97
C LEU C 163 24.00 -1.89 4.76
N ASN C 164 24.60 -0.73 4.69
CA ASN C 164 25.82 -0.58 5.41
C ASN C 164 25.75 -0.62 6.89
N GLU C 165 24.87 0.20 7.41
CA GLU C 165 24.77 0.21 8.79
C GLU C 165 24.34 -1.14 9.28
N VAL C 166 23.21 -1.65 8.77
CA VAL C 166 22.61 -2.94 9.12
C VAL C 166 23.68 -3.94 9.43
N LYS C 167 24.65 -3.96 8.52
CA LYS C 167 25.78 -4.85 8.66
C LYS C 167 26.70 -4.40 9.77
N LYS C 168 26.97 -3.07 9.79
CA LYS C 168 27.84 -2.48 10.80
C LYS C 168 27.39 -2.85 12.19
N VAL C 169 26.12 -2.85 12.39
CA VAL C 169 25.73 -3.22 13.70
C VAL C 169 25.95 -4.70 13.95
N ASP C 170 25.32 -5.53 13.17
CA ASP C 170 25.55 -6.89 13.42
C ASP C 170 25.71 -7.42 12.07
N SER C 171 26.74 -8.21 11.86
CA SER C 171 27.00 -8.79 10.55
C SER C 171 25.95 -9.77 10.22
N GLU C 172 25.33 -10.29 11.26
CA GLU C 172 24.26 -11.28 11.22
C GLU C 172 22.87 -10.83 10.61
N TYR C 173 22.61 -9.52 10.46
CA TYR C 173 21.35 -9.06 9.88
C TYR C 173 21.30 -9.29 8.37
N ILE C 174 20.13 -9.60 7.93
CA ILE C 174 19.89 -9.84 6.55
C ILE C 174 18.93 -8.77 6.07
N ALA C 175 19.17 -8.09 4.92
CA ALA C 175 18.21 -7.06 4.54
C ALA C 175 17.72 -7.06 3.09
N THR C 176 16.51 -6.60 2.83
CA THR C 176 16.11 -6.59 1.47
C THR C 176 15.20 -5.46 1.17
N VAL C 177 15.60 -4.68 0.23
CA VAL C 177 14.73 -3.61 -0.10
C VAL C 177 13.76 -4.18 -1.11
N CYS C 178 12.51 -4.38 -0.67
CA CYS C 178 11.42 -4.94 -1.47
C CYS C 178 10.64 -3.93 -2.28
N GLY C 179 9.45 -4.34 -2.80
CA GLY C 179 8.64 -3.41 -3.61
C GLY C 179 9.18 -3.23 -5.04
N SER C 180 8.61 -2.25 -5.80
CA SER C 180 8.96 -1.89 -7.19
C SER C 180 10.46 -1.69 -7.46
N PHE C 181 11.14 -1.06 -6.51
CA PHE C 181 12.54 -0.82 -6.60
C PHE C 181 13.24 -2.12 -6.87
N ARG C 182 12.81 -3.16 -6.16
CA ARG C 182 13.36 -4.51 -6.24
C ARG C 182 13.05 -5.19 -7.55
N ARG C 183 11.91 -4.78 -8.07
CA ARG C 183 11.33 -5.23 -9.31
C ARG C 183 11.80 -4.42 -10.50
N GLY C 184 12.83 -3.60 -10.38
CA GLY C 184 13.28 -2.81 -11.52
C GLY C 184 12.88 -1.32 -11.46
N ALA C 185 11.58 -1.07 -11.20
CA ALA C 185 10.92 0.25 -11.07
C ALA C 185 11.78 1.42 -11.29
N GLU C 186 11.45 2.26 -12.26
CA GLU C 186 12.28 3.42 -12.51
C GLU C 186 12.18 4.48 -11.44
N SER C 187 11.22 4.26 -10.57
CA SER C 187 10.99 5.17 -9.50
C SER C 187 10.25 4.45 -8.40
N SER C 188 10.02 5.10 -7.29
CA SER C 188 9.32 4.41 -6.25
C SER C 188 8.72 5.45 -5.31
N GLY C 189 7.68 5.04 -4.56
CA GLY C 189 7.03 5.94 -3.62
C GLY C 189 7.74 6.00 -2.26
N ASP C 190 8.18 4.89 -1.78
CA ASP C 190 8.85 4.91 -0.51
C ASP C 190 9.62 3.65 -0.31
N MET C 191 10.63 3.74 0.46
CA MET C 191 11.36 2.57 0.59
C MET C 191 10.85 1.62 1.64
N ASP C 192 10.93 0.28 1.34
CA ASP C 192 10.49 -0.84 2.20
C ASP C 192 11.57 -1.80 2.64
N VAL C 193 12.29 -1.51 3.65
CA VAL C 193 13.24 -2.50 3.97
C VAL C 193 12.68 -3.67 4.76
N LEU C 194 12.94 -4.92 4.36
CA LEU C 194 12.47 -6.15 5.08
C LEU C 194 13.63 -6.73 5.84
N LEU C 195 13.44 -6.91 7.09
CA LEU C 195 14.58 -7.42 7.82
C LEU C 195 14.38 -8.61 8.69
N THR C 196 15.44 -9.33 8.88
CA THR C 196 15.29 -10.49 9.71
C THR C 196 16.57 -10.80 10.34
N HIS C 197 16.60 -11.84 11.10
CA HIS C 197 17.81 -12.17 11.74
C HIS C 197 17.65 -13.55 12.24
N PRO C 198 18.76 -14.28 12.36
CA PRO C 198 18.79 -15.68 12.79
C PRO C 198 18.40 -15.91 14.20
N SER C 199 18.83 -14.99 15.00
CA SER C 199 18.51 -15.10 16.37
C SER C 199 16.98 -15.07 16.54
N PHE C 200 16.26 -14.42 15.54
CA PHE C 200 14.77 -14.26 15.49
C PHE C 200 14.00 -15.00 14.43
N THR C 201 13.07 -15.81 14.94
CA THR C 201 12.21 -16.67 14.20
C THR C 201 10.97 -17.05 15.02
N SER C 202 10.00 -17.65 14.34
CA SER C 202 8.71 -18.12 14.87
C SER C 202 8.50 -18.19 16.37
N GLU C 203 9.30 -19.09 17.05
CA GLU C 203 9.21 -19.27 18.50
C GLU C 203 9.95 -18.25 19.36
N SER C 204 11.30 -18.40 19.49
CA SER C 204 12.21 -17.53 20.26
C SER C 204 11.62 -16.16 20.59
N THR C 205 11.00 -16.10 21.77
CA THR C 205 10.34 -14.90 22.25
C THR C 205 10.84 -13.50 21.88
N LYS C 206 10.86 -13.19 20.61
CA LYS C 206 11.31 -11.86 20.24
C LYS C 206 12.75 -11.54 20.69
N GLN C 207 13.06 -10.24 20.60
CA GLN C 207 14.32 -9.53 20.92
C GLN C 207 14.24 -8.12 20.32
N PRO C 208 13.15 -7.46 20.76
CA PRO C 208 12.72 -6.11 20.40
C PRO C 208 13.88 -5.21 20.03
N LYS C 209 15.01 -5.42 20.71
CA LYS C 209 16.15 -4.63 20.44
C LYS C 209 16.59 -4.77 19.03
N LEU C 210 16.30 -5.94 18.50
CA LEU C 210 16.62 -6.25 17.14
C LEU C 210 16.26 -5.13 16.21
N LEU C 211 15.02 -4.77 16.23
CA LEU C 211 14.58 -3.70 15.36
C LEU C 211 15.23 -2.42 15.73
N HIS C 212 15.17 -2.25 17.03
CA HIS C 212 15.65 -1.13 17.75
C HIS C 212 17.07 -0.64 17.44
N GLN C 213 18.04 -1.55 17.53
CA GLN C 213 19.43 -1.23 17.26
C GLN C 213 19.54 -0.56 15.99
N VAL C 214 18.92 -1.24 15.07
CA VAL C 214 18.94 -0.70 13.76
C VAL C 214 18.46 0.69 13.59
N VAL C 215 17.23 0.93 14.02
CA VAL C 215 16.72 2.29 13.87
C VAL C 215 17.69 3.33 14.43
N GLU C 216 18.15 3.04 15.65
CA GLU C 216 19.10 3.84 16.40
C GLU C 216 20.32 4.11 15.54
N GLN C 217 20.78 3.08 14.87
CA GLN C 217 21.90 3.36 14.07
C GLN C 217 21.53 4.30 12.94
N LEU C 218 20.45 3.98 12.18
CA LEU C 218 20.04 4.80 11.05
C LEU C 218 19.93 6.28 11.31
N GLN C 219 19.47 6.52 12.51
CA GLN C 219 19.32 7.86 12.96
C GLN C 219 20.65 8.35 13.44
N LYS C 220 21.41 7.35 13.98
CA LYS C 220 22.73 7.64 14.50
C LYS C 220 23.53 8.46 13.50
N VAL C 221 23.58 7.95 12.27
CA VAL C 221 24.28 8.60 11.19
C VAL C 221 23.46 9.72 10.51
N HIS C 222 22.19 9.91 10.89
CA HIS C 222 21.33 10.94 10.33
C HIS C 222 20.58 10.63 9.07
N PHE C 223 20.20 9.36 8.88
CA PHE C 223 19.45 8.97 7.69
C PHE C 223 17.95 9.16 7.95
N ILE C 224 17.53 8.65 9.12
CA ILE C 224 16.19 8.71 9.63
C ILE C 224 16.11 9.95 10.40
N THR C 225 15.20 10.78 10.03
CA THR C 225 15.09 12.02 10.70
C THR C 225 13.89 12.15 11.56
N ASP C 226 13.02 11.20 11.43
CA ASP C 226 11.81 11.27 12.23
C ASP C 226 11.19 9.92 12.37
N THR C 227 10.40 9.84 13.43
CA THR C 227 9.66 8.65 13.72
C THR C 227 8.16 8.91 13.61
N LEU C 228 7.50 8.12 12.74
CA LEU C 228 6.08 8.11 12.50
C LEU C 228 5.54 7.10 13.49
N SER C 229 6.27 5.98 13.66
CA SER C 229 5.80 5.00 14.59
C SER C 229 6.72 3.83 14.76
N LYS C 230 7.53 3.91 15.76
CA LYS C 230 8.43 2.81 16.05
C LYS C 230 7.70 1.80 16.93
N GLY C 231 7.61 0.56 16.53
CA GLY C 231 6.94 -0.36 17.38
C GLY C 231 7.88 -1.49 17.58
N GLU C 232 7.43 -2.53 18.22
CA GLU C 232 8.35 -3.62 18.41
C GLU C 232 8.70 -4.42 17.21
N THR C 233 8.16 -4.12 16.05
CA THR C 233 8.49 -4.94 14.89
C THR C 233 8.28 -4.21 13.59
N LYS C 234 7.75 -3.02 13.69
CA LYS C 234 7.53 -2.25 12.52
C LYS C 234 7.86 -0.81 12.85
N PHE C 235 8.86 -0.32 12.19
CA PHE C 235 9.24 1.04 12.45
C PHE C 235 8.61 1.70 11.30
N MET C 236 8.30 2.98 11.37
CA MET C 236 7.70 3.66 10.23
C MET C 236 8.19 5.06 10.34
N GLY C 237 9.04 5.54 9.43
CA GLY C 237 9.52 6.90 9.56
C GLY C 237 9.70 7.71 8.29
N VAL C 238 10.71 8.60 8.40
CA VAL C 238 11.14 9.54 7.37
C VAL C 238 12.69 9.58 7.31
N CYS C 239 13.20 9.59 6.07
CA CYS C 239 14.63 9.66 5.85
C CYS C 239 14.95 10.70 4.84
N GLN C 240 16.26 10.83 4.66
CA GLN C 240 16.81 11.78 3.75
C GLN C 240 18.29 11.61 3.57
N LEU C 241 18.66 11.65 2.30
CA LEU C 241 20.04 11.52 1.94
C LEU C 241 20.67 12.87 2.06
N PRO C 242 21.82 12.80 2.68
CA PRO C 242 22.72 13.86 2.96
C PRO C 242 22.73 14.74 1.78
N SER C 243 22.52 16.00 2.07
CA SER C 243 22.51 16.98 1.04
C SER C 243 23.96 17.32 0.89
N LYS C 244 24.50 16.74 -0.17
CA LYS C 244 25.88 16.81 -0.63
C LYS C 244 26.61 18.06 -0.24
N ASN C 245 27.34 18.51 -1.20
CA ASN C 245 28.06 19.72 -1.00
C ASN C 245 27.18 20.80 -1.58
N ASP C 246 26.29 21.20 -0.69
CA ASP C 246 25.25 22.21 -0.84
C ASP C 246 24.99 22.88 -2.17
N GLU C 247 23.67 23.25 -2.30
CA GLU C 247 23.01 23.88 -3.43
C GLU C 247 21.79 23.04 -3.79
N LYS C 248 21.90 21.76 -3.40
CA LYS C 248 20.85 20.78 -3.63
C LYS C 248 20.58 19.85 -2.43
N GLU C 249 19.51 20.16 -1.65
CA GLU C 249 19.14 19.33 -0.49
C GLU C 249 18.13 18.26 -0.93
N TYR C 250 18.18 17.11 -0.27
CA TYR C 250 17.32 15.98 -0.55
C TYR C 250 15.94 15.95 0.13
N PRO C 251 14.94 15.49 -0.62
CA PRO C 251 13.60 15.42 -0.17
C PRO C 251 13.40 14.29 0.78
N HIS C 252 12.65 14.61 1.83
CA HIS C 252 12.27 13.74 2.91
C HIS C 252 11.46 12.60 2.37
N ARG C 253 11.85 11.39 2.79
CA ARG C 253 11.24 10.19 2.31
C ARG C 253 10.75 9.18 3.27
N ARG C 254 9.61 8.72 2.88
CA ARG C 254 9.03 7.74 3.72
C ARG C 254 9.81 6.49 3.80
N ILE C 255 10.03 6.00 4.97
CA ILE C 255 10.76 4.77 4.99
C ILE C 255 10.07 3.85 5.97
N ASP C 256 10.05 2.53 5.69
CA ASP C 256 9.44 1.53 6.57
C ASP C 256 10.33 0.33 6.69
N ILE C 257 10.61 -0.08 7.90
CA ILE C 257 11.46 -1.25 8.14
C ILE C 257 10.74 -2.14 9.09
N ARG C 258 10.64 -3.41 8.73
CA ARG C 258 9.94 -4.44 9.51
C ARG C 258 10.74 -5.66 9.84
N LEU C 259 10.78 -5.99 11.11
CA LEU C 259 11.51 -7.16 11.60
C LEU C 259 10.78 -8.43 11.24
N ILE C 260 11.49 -9.51 10.90
CA ILE C 260 10.86 -10.76 10.52
C ILE C 260 11.58 -11.98 11.05
N PRO C 261 10.76 -12.86 11.57
CA PRO C 261 11.28 -14.07 12.10
C PRO C 261 11.89 -14.77 10.91
N LYS C 262 13.22 -14.86 10.94
CA LYS C 262 14.04 -15.49 9.93
C LYS C 262 13.33 -16.66 9.23
N ASP C 263 12.59 -17.48 9.97
CA ASP C 263 11.93 -18.58 9.30
C ASP C 263 10.67 -18.25 8.48
N GLN C 264 10.61 -17.02 7.96
CA GLN C 264 9.50 -16.55 7.15
C GLN C 264 9.89 -15.40 6.23
N TYR C 265 11.20 -15.05 6.20
CA TYR C 265 11.65 -13.97 5.37
C TYR C 265 11.09 -14.13 3.92
N TYR C 266 11.76 -14.96 3.09
CA TYR C 266 11.46 -15.28 1.70
C TYR C 266 10.02 -15.18 1.33
N CYS C 267 9.14 -15.84 2.06
CA CYS C 267 7.71 -15.71 1.70
C CYS C 267 7.33 -14.26 1.79
N GLY C 268 7.62 -13.64 2.94
CA GLY C 268 7.29 -12.23 3.13
C GLY C 268 7.86 -11.39 1.97
N VAL C 269 9.19 -11.55 1.79
CA VAL C 269 9.94 -10.88 0.75
C VAL C 269 9.29 -11.13 -0.62
N LEU C 270 8.93 -12.42 -0.76
CA LEU C 270 8.31 -12.80 -1.97
C LEU C 270 7.10 -11.93 -2.12
N TYR C 271 6.35 -12.00 -1.12
CA TYR C 271 5.13 -11.26 -1.07
C TYR C 271 5.23 -9.75 -1.33
N PHE C 272 5.94 -9.05 -0.44
CA PHE C 272 6.11 -7.64 -0.57
C PHE C 272 6.70 -7.27 -1.88
N THR C 273 7.41 -8.25 -2.52
CA THR C 273 7.99 -7.95 -3.81
C THR C 273 6.98 -7.75 -4.92
N GLY C 274 5.82 -8.36 -4.76
CA GLY C 274 4.81 -8.20 -5.78
C GLY C 274 5.26 -8.83 -7.08
N SER C 275 4.65 -8.40 -8.20
CA SER C 275 3.62 -7.37 -8.13
C SER C 275 2.34 -7.96 -7.59
N ASP C 276 1.38 -7.05 -7.37
CA ASP C 276 0.10 -7.46 -6.85
C ASP C 276 -0.47 -8.65 -7.61
N ILE C 277 -0.36 -8.61 -8.94
CA ILE C 277 -0.87 -9.73 -9.71
C ILE C 277 0.02 -10.93 -9.79
N PHE C 278 1.33 -10.71 -9.85
CA PHE C 278 2.21 -11.84 -9.96
C PHE C 278 2.00 -12.73 -8.80
N ASN C 279 1.73 -12.01 -7.77
CA ASN C 279 1.48 -12.57 -6.50
C ASN C 279 0.28 -13.46 -6.53
N LYS C 280 -0.82 -12.81 -6.87
CA LYS C 280 -2.10 -13.46 -6.98
C LYS C 280 -1.93 -14.68 -7.82
N ASN C 281 -1.45 -14.42 -9.00
CA ASN C 281 -1.22 -15.44 -9.97
C ASN C 281 -0.38 -16.55 -9.43
N MET C 282 0.66 -16.17 -8.72
CA MET C 282 1.49 -17.18 -8.16
C MET C 282 0.65 -17.97 -7.17
N ARG C 283 -0.03 -17.20 -6.33
CA ARG C 283 -0.87 -17.74 -5.31
C ARG C 283 -1.87 -18.68 -5.89
N ALA C 284 -2.57 -18.15 -6.88
CA ALA C 284 -3.59 -18.93 -7.57
C ALA C 284 -2.95 -20.24 -8.03
N HIS C 285 -1.66 -20.17 -8.38
CA HIS C 285 -0.97 -21.36 -8.84
C HIS C 285 -0.64 -22.42 -7.75
N ALA C 286 0.03 -22.01 -6.67
CA ALA C 286 0.42 -22.89 -5.57
C ALA C 286 -0.62 -23.90 -5.17
N LEU C 287 -1.87 -23.44 -5.40
CA LEU C 287 -3.16 -24.08 -5.16
C LEU C 287 -3.45 -25.35 -5.94
N GLU C 288 -3.24 -25.27 -7.24
CA GLU C 288 -3.45 -26.42 -8.10
C GLU C 288 -2.35 -27.41 -7.79
N LYS C 289 -1.18 -26.84 -7.59
CA LYS C 289 0.01 -27.57 -7.28
C LYS C 289 -0.06 -28.23 -5.90
N GLY C 290 -1.23 -28.10 -5.28
CA GLY C 290 -1.52 -28.65 -3.96
C GLY C 290 -0.96 -27.84 -2.80
N PHE C 291 -1.10 -26.50 -2.83
CA PHE C 291 -0.56 -25.71 -1.75
C PHE C 291 -1.31 -24.50 -1.36
N THR C 292 -0.63 -23.83 -0.46
CA THR C 292 -1.08 -22.60 0.09
C THR C 292 0.07 -21.64 0.42
N ILE C 293 -0.09 -20.38 -0.07
CA ILE C 293 0.87 -19.28 0.07
C ILE C 293 0.23 -18.03 0.55
N ASN C 294 0.91 -17.42 1.51
CA ASN C 294 0.50 -16.20 2.14
C ASN C 294 1.69 -15.51 2.75
N GLU C 295 1.54 -14.24 3.02
CA GLU C 295 2.55 -13.38 3.61
C GLU C 295 3.69 -14.04 4.47
N TYR C 296 3.45 -15.24 5.00
CA TYR C 296 4.52 -15.84 5.80
C TYR C 296 4.89 -17.27 5.51
N THR C 297 4.08 -18.03 4.84
CA THR C 297 4.55 -19.38 4.63
C THR C 297 3.92 -20.06 3.46
N ILE C 298 4.25 -21.31 3.36
CA ILE C 298 3.68 -22.05 2.32
C ILE C 298 3.45 -23.43 2.83
N ARG C 299 2.17 -23.79 2.80
CA ARG C 299 1.68 -25.07 3.25
C ARG C 299 1.04 -25.99 2.22
N PRO C 300 1.47 -27.25 2.29
CA PRO C 300 0.98 -28.27 1.43
C PRO C 300 -0.45 -28.46 1.76
N LEU C 301 -1.28 -28.52 0.73
CA LEU C 301 -2.69 -28.70 0.88
C LEU C 301 -3.03 -30.19 1.06
N GLY C 302 -4.24 -30.46 1.57
CA GLY C 302 -4.72 -31.82 1.81
C GLY C 302 -6.19 -31.97 1.40
N VAL C 303 -6.50 -33.14 0.88
CA VAL C 303 -7.85 -33.45 0.41
C VAL C 303 -9.12 -33.12 1.21
N THR C 304 -9.11 -33.27 2.55
CA THR C 304 -10.28 -32.99 3.43
C THR C 304 -10.90 -31.60 3.25
N GLY C 305 -10.28 -30.87 2.35
CA GLY C 305 -10.65 -29.55 2.00
C GLY C 305 -9.45 -28.68 2.24
N VAL C 306 -8.99 -28.70 3.52
CA VAL C 306 -7.84 -27.92 4.01
C VAL C 306 -6.80 -28.71 4.76
N ALA C 307 -5.66 -28.06 4.94
CA ALA C 307 -4.54 -28.63 5.65
C ALA C 307 -3.50 -27.60 6.15
N GLY C 308 -2.56 -28.08 6.98
CA GLY C 308 -1.47 -27.27 7.55
C GLY C 308 -0.07 -27.71 7.10
N GLU C 309 0.86 -27.64 8.05
CA GLU C 309 2.28 -28.00 7.92
C GLU C 309 3.23 -27.22 7.02
N PRO C 310 3.67 -26.05 7.55
CA PRO C 310 4.57 -25.05 7.01
C PRO C 310 5.97 -25.43 6.46
N LEU C 311 5.99 -25.69 5.19
CA LEU C 311 7.16 -26.07 4.47
C LEU C 311 8.32 -25.07 4.57
N PRO C 312 9.58 -25.61 4.76
CA PRO C 312 10.88 -24.92 4.90
C PRO C 312 11.35 -24.17 3.68
N VAL C 313 11.63 -22.89 3.88
CA VAL C 313 12.08 -22.02 2.84
C VAL C 313 13.41 -21.31 3.11
N ASP C 314 14.39 -21.56 2.21
CA ASP C 314 15.72 -20.97 2.28
C ASP C 314 16.00 -19.78 1.37
N SER C 315 15.15 -19.65 0.36
CA SER C 315 15.22 -18.58 -0.58
C SER C 315 14.08 -18.57 -1.52
N GLU C 316 13.81 -17.39 -2.13
CA GLU C 316 12.72 -17.17 -3.09
C GLU C 316 12.49 -18.37 -3.99
N LYS C 317 13.59 -19.10 -4.21
CA LYS C 317 13.71 -20.31 -5.00
C LYS C 317 12.81 -21.41 -4.47
N ASP C 318 13.18 -21.82 -3.23
CA ASP C 318 12.48 -22.86 -2.49
C ASP C 318 10.94 -22.76 -2.71
N ILE C 319 10.45 -21.55 -2.57
CA ILE C 319 9.06 -21.27 -2.76
C ILE C 319 8.67 -21.69 -4.18
N PHE C 320 9.45 -21.19 -5.14
CA PHE C 320 9.21 -21.49 -6.52
C PHE C 320 9.14 -22.98 -6.70
N ASP C 321 10.28 -23.63 -6.40
CA ASP C 321 10.49 -25.08 -6.49
C ASP C 321 9.30 -25.88 -6.08
N TYR C 322 8.86 -25.53 -4.90
CA TYR C 322 7.74 -26.13 -4.26
C TYR C 322 6.62 -26.27 -5.20
N ILE C 323 6.06 -25.12 -5.59
CA ILE C 323 4.96 -25.08 -6.53
C ILE C 323 5.47 -25.39 -7.91
N GLN C 324 6.73 -25.79 -7.96
CA GLN C 324 7.42 -26.15 -9.19
C GLN C 324 7.13 -25.18 -10.30
N TRP C 325 7.84 -24.07 -10.27
CA TRP C 325 7.68 -23.05 -11.26
C TRP C 325 9.05 -22.71 -11.75
N LYS C 326 9.04 -21.70 -12.58
CA LYS C 326 10.24 -21.19 -13.17
C LYS C 326 10.74 -20.07 -12.32
N TYR C 327 12.01 -20.05 -11.94
CA TYR C 327 12.39 -18.91 -11.13
C TYR C 327 12.30 -17.67 -11.97
N ARG C 328 11.55 -16.71 -11.45
CA ARG C 328 11.37 -15.44 -12.09
C ARG C 328 12.04 -14.39 -11.25
N GLU C 329 12.89 -13.66 -11.93
CA GLU C 329 13.61 -12.61 -11.31
C GLU C 329 12.64 -11.52 -10.94
N PRO C 330 13.05 -10.71 -9.98
CA PRO C 330 12.22 -9.64 -9.55
C PRO C 330 11.79 -8.78 -10.72
N LYS C 331 12.72 -8.55 -11.61
CA LYS C 331 12.46 -7.74 -12.78
C LYS C 331 11.21 -8.13 -13.55
N ASP C 332 10.99 -9.45 -13.66
CA ASP C 332 9.83 -9.95 -14.37
C ASP C 332 8.69 -10.52 -13.51
N ARG C 333 8.47 -9.92 -12.35
CA ARG C 333 7.41 -10.34 -11.45
C ARG C 333 6.24 -9.44 -11.73
N SER C 334 6.38 -8.63 -12.76
CA SER C 334 5.35 -7.68 -13.15
C SER C 334 3.90 -8.15 -13.19
N GLU C 335 3.68 -9.47 -13.33
CA GLU C 335 2.33 -10.04 -13.36
C GLU C 335 2.36 -11.53 -13.45
MN MN D . 6.43 0.96 -1.32
MN MN E . 6.00 1.67 1.89
NA NA F . -3.97 10.29 4.67
NA NA G . -30.12 -7.76 -10.18
PG DAD H . 6.30 2.01 -4.41
O1G DAD H . 7.41 1.30 -3.72
O2G DAD H . 6.53 2.54 -5.79
O3G DAD H . 5.73 3.14 -3.47
PB DAD H . 5.17 -0.58 -4.27
O1B DAD H . 4.58 -1.21 -5.46
O2B DAD H . 6.58 -0.90 -3.94
O3B DAD H . 5.07 0.97 -4.44
PA DAD H . 4.31 -0.52 -1.42
O1A DAD H . 5.42 0.47 -1.22
O2A DAD H . 2.96 -0.21 -0.82
O3A DAD H . 4.18 -0.80 -3.00
O5' DAD H . 4.79 -1.96 -0.91
#